data_3FR1
# 
_entry.id   3FR1 
# 
_audit_conform.dict_name       mmcif_pdbx.dic 
_audit_conform.dict_version    5.387 
_audit_conform.dict_location   http://mmcif.pdb.org/dictionaries/ascii/mmcif_pdbx.dic 
# 
loop_
_database_2.database_id 
_database_2.database_code 
_database_2.pdbx_database_accession 
_database_2.pdbx_DOI 
PDB   3FR1         pdb_00003fr1 10.2210/pdb3fr1/pdb 
RCSB  RCSB050935   ?            ?                   
WWPDB D_1000050935 ?            ?                   
# 
loop_
_pdbx_audit_revision_history.ordinal 
_pdbx_audit_revision_history.data_content_type 
_pdbx_audit_revision_history.major_revision 
_pdbx_audit_revision_history.minor_revision 
_pdbx_audit_revision_history.revision_date 
1 'Structure model' 1 0 2009-06-30 
2 'Structure model' 1 1 2011-07-13 
3 'Structure model' 1 2 2017-11-01 
4 'Structure model' 1 3 2024-02-21 
# 
_pdbx_audit_revision_details.ordinal             1 
_pdbx_audit_revision_details.revision_ordinal    1 
_pdbx_audit_revision_details.data_content_type   'Structure model' 
_pdbx_audit_revision_details.provider            repository 
_pdbx_audit_revision_details.type                'Initial release' 
_pdbx_audit_revision_details.description         ? 
_pdbx_audit_revision_details.details             ? 
# 
loop_
_pdbx_audit_revision_group.ordinal 
_pdbx_audit_revision_group.revision_ordinal 
_pdbx_audit_revision_group.data_content_type 
_pdbx_audit_revision_group.group 
1 2 'Structure model' 'Version format compliance' 
2 3 'Structure model' 'Refinement description'    
3 3 'Structure model' 'Source and taxonomy'       
4 4 'Structure model' 'Data collection'           
5 4 'Structure model' 'Database references'       
6 4 'Structure model' 'Derived calculations'      
# 
loop_
_pdbx_audit_revision_category.ordinal 
_pdbx_audit_revision_category.revision_ordinal 
_pdbx_audit_revision_category.data_content_type 
_pdbx_audit_revision_category.category 
1 3 'Structure model' pdbx_entity_src_syn 
2 3 'Structure model' software            
3 4 'Structure model' chem_comp_atom      
4 4 'Structure model' chem_comp_bond      
5 4 'Structure model' database_2          
6 4 'Structure model' struct_site         
# 
loop_
_pdbx_audit_revision_item.ordinal 
_pdbx_audit_revision_item.revision_ordinal 
_pdbx_audit_revision_item.data_content_type 
_pdbx_audit_revision_item.item 
1 3 'Structure model' '_pdbx_entity_src_syn.details'              
2 3 'Structure model' '_pdbx_entity_src_syn.ncbi_taxonomy_id'     
3 3 'Structure model' '_pdbx_entity_src_syn.organism_common_name' 
4 3 'Structure model' '_pdbx_entity_src_syn.organism_scientific'  
5 4 'Structure model' '_database_2.pdbx_DOI'                      
6 4 'Structure model' '_database_2.pdbx_database_accession'       
7 4 'Structure model' '_struct_site.pdbx_auth_asym_id'            
8 4 'Structure model' '_struct_site.pdbx_auth_comp_id'            
9 4 'Structure model' '_struct_site.pdbx_auth_seq_id'             
# 
_pdbx_database_status.entry_id                        3FR1 
_pdbx_database_status.deposit_site                    RCSB 
_pdbx_database_status.process_site                    RCSB 
_pdbx_database_status.recvd_initial_deposition_date   2009-01-08 
_pdbx_database_status.status_code                     REL 
_pdbx_database_status.status_code_sf                  REL 
_pdbx_database_status.status_code_mr                  ? 
_pdbx_database_status.SG_entry                        ? 
_pdbx_database_status.pdb_format_compatible           Y 
_pdbx_database_status.status_code_cs                  ? 
_pdbx_database_status.methods_development_category    ? 
_pdbx_database_status.status_code_nmr_data            ? 
# 
loop_
_pdbx_database_related.db_name 
_pdbx_database_related.db_id 
_pdbx_database_related.details 
_pdbx_database_related.content_type 
PDB 3FQP . unspecified 
PDB 3FTH . unspecified 
PDB 3FTK . unspecified 
PDB 3FTL . unspecified 
# 
loop_
_audit_author.name 
_audit_author.pdbx_ordinal 
'Wiltzius, J.J.W.' 1 
'Sawaya, M.R.'     2 
'Eisenberg, D.'    3 
# 
_citation.id                        primary 
_citation.title                     'Molecular mechanisms for protein-encoded inheritance' 
_citation.journal_abbrev            Nat.Struct.Mol.Biol. 
_citation.journal_volume            16 
_citation.page_first                973 
_citation.page_last                 978 
_citation.year                      2009 
_citation.journal_id_ASTM           ? 
_citation.country                   US 
_citation.journal_id_ISSN           1545-9993 
_citation.journal_id_CSD            ? 
_citation.book_publisher            ? 
_citation.pdbx_database_id_PubMed   19684598 
_citation.pdbx_database_id_DOI      10.1038/nsmb.1643 
# 
loop_
_citation_author.citation_id 
_citation_author.name 
_citation_author.ordinal 
_citation_author.identifier_ORCID 
primary 'Wiltzius, J.J.'  1  ? 
primary 'Landau, M.'      2  ? 
primary 'Nelson, R.'      3  ? 
primary 'Sawaya, M.R.'    4  ? 
primary 'Apostol, M.I.'   5  ? 
primary 'Goldschmidt, L.' 6  ? 
primary 'Soriaga, A.B.'   7  ? 
primary 'Cascio, D.'      8  ? 
primary 'Rajashankar, K.' 9  ? 
primary 'Eisenberg, D.'   10 ? 
# 
loop_
_entity.id 
_entity.type 
_entity.src_method 
_entity.pdbx_description 
_entity.formula_weight 
_entity.pdbx_number_of_molecules 
_entity.pdbx_ec 
_entity.pdbx_mutation 
_entity.pdbx_fragment 
_entity.details 
1 polymer     syn 'Islet amyloid polypeptide' 716.805 1 ? ? 'sequence database residues 47-52' ? 
2 non-polymer syn 'CHLORIDE ION'              35.453  1 ? ? ?                                  ? 
3 water       nat water                       18.015  1 ? ? ?                                  ? 
# 
_entity_name_com.entity_id   1 
_entity_name_com.name        'Amylin, Diabetes-associated peptide, DAP, Insulinoma amyloid peptide' 
# 
_entity_poly.entity_id                      1 
_entity_poly.type                           'polypeptide(L)' 
_entity_poly.nstd_linkage                   no 
_entity_poly.nstd_monomer                   no 
_entity_poly.pdbx_seq_one_letter_code       NFLVHS 
_entity_poly.pdbx_seq_one_letter_code_can   NFLVHS 
_entity_poly.pdbx_strand_id                 A 
_entity_poly.pdbx_target_identifier         ? 
# 
loop_
_pdbx_entity_nonpoly.entity_id 
_pdbx_entity_nonpoly.name 
_pdbx_entity_nonpoly.comp_id 
2 'CHLORIDE ION' CL  
3 water          HOH 
# 
loop_
_entity_poly_seq.entity_id 
_entity_poly_seq.num 
_entity_poly_seq.mon_id 
_entity_poly_seq.hetero 
1 1 ASN n 
1 2 PHE n 
1 3 LEU n 
1 4 VAL n 
1 5 HIS n 
1 6 SER n 
# 
_pdbx_entity_src_syn.entity_id              1 
_pdbx_entity_src_syn.pdbx_src_id            1 
_pdbx_entity_src_syn.pdbx_alt_source_flag   sample 
_pdbx_entity_src_syn.pdbx_beg_seq_num       ? 
_pdbx_entity_src_syn.pdbx_end_seq_num       ? 
_pdbx_entity_src_syn.organism_scientific    'Homo sapiens' 
_pdbx_entity_src_syn.organism_common_name   Human 
_pdbx_entity_src_syn.ncbi_taxonomy_id       9606 
_pdbx_entity_src_syn.details                ? 
# 
loop_
_chem_comp.id 
_chem_comp.type 
_chem_comp.mon_nstd_flag 
_chem_comp.name 
_chem_comp.pdbx_synonyms 
_chem_comp.formula 
_chem_comp.formula_weight 
ASN 'L-peptide linking' y ASPARAGINE     ? 'C4 H8 N2 O3'    132.118 
CL  non-polymer         . 'CHLORIDE ION' ? 'Cl -1'          35.453  
HIS 'L-peptide linking' y HISTIDINE      ? 'C6 H10 N3 O2 1' 156.162 
HOH non-polymer         . WATER          ? 'H2 O'           18.015  
LEU 'L-peptide linking' y LEUCINE        ? 'C6 H13 N O2'    131.173 
PHE 'L-peptide linking' y PHENYLALANINE  ? 'C9 H11 N O2'    165.189 
SER 'L-peptide linking' y SERINE         ? 'C3 H7 N O3'     105.093 
VAL 'L-peptide linking' y VALINE         ? 'C5 H11 N O2'    117.146 
# 
loop_
_pdbx_poly_seq_scheme.asym_id 
_pdbx_poly_seq_scheme.entity_id 
_pdbx_poly_seq_scheme.seq_id 
_pdbx_poly_seq_scheme.mon_id 
_pdbx_poly_seq_scheme.ndb_seq_num 
_pdbx_poly_seq_scheme.pdb_seq_num 
_pdbx_poly_seq_scheme.auth_seq_num 
_pdbx_poly_seq_scheme.pdb_mon_id 
_pdbx_poly_seq_scheme.auth_mon_id 
_pdbx_poly_seq_scheme.pdb_strand_id 
_pdbx_poly_seq_scheme.pdb_ins_code 
_pdbx_poly_seq_scheme.hetero 
A 1 1 ASN 1 1 1 ASN ASN A . n 
A 1 2 PHE 2 2 2 PHE PHE A . n 
A 1 3 LEU 3 3 3 LEU LEU A . n 
A 1 4 VAL 4 4 4 VAL VAL A . n 
A 1 5 HIS 5 5 5 HIS HIS A . n 
A 1 6 SER 6 6 6 SER SER A . n 
# 
loop_
_pdbx_nonpoly_scheme.asym_id 
_pdbx_nonpoly_scheme.entity_id 
_pdbx_nonpoly_scheme.mon_id 
_pdbx_nonpoly_scheme.ndb_seq_num 
_pdbx_nonpoly_scheme.pdb_seq_num 
_pdbx_nonpoly_scheme.auth_seq_num 
_pdbx_nonpoly_scheme.pdb_mon_id 
_pdbx_nonpoly_scheme.auth_mon_id 
_pdbx_nonpoly_scheme.pdb_strand_id 
_pdbx_nonpoly_scheme.pdb_ins_code 
B 2 CL  1 7 2 CL  CL  A . 
C 3 HOH 1 8 1 HOH HOH A . 
# 
loop_
_software.name 
_software.version 
_software.date 
_software.type 
_software.contact_author 
_software.contact_author_email 
_software.classification 
_software.location 
_software.language 
_software.citation_id 
_software.pdbx_ordinal 
DENZO       .       ?               package 'Zbyszek Otwinowski' hkl@hkl-xray.com            'data reduction'  
http://www.hkl-xray.com/                     ?          ? 1 
SCALEPACK   .       ?               package 'Zbyszek Otwinowski' hkl@hkl-xray.com            'data scaling'    
http://www.hkl-xray.com/                     ?          ? 2 
PHASER      .       ?               program 'Randy J. Read'      cimr-phaser@lists.cam.ac.uk phasing           
http://www-structmed.cimr.cam.ac.uk/phaser/  ?          ? 3 
REFMAC      .       ?               program 'Garib N. Murshudov' garib@ysbl.york.ac.uk       refinement        
http://www.ccp4.ac.uk/dist/html/refmac5.html Fortran_77 ? 4 
PDB_EXTRACT 3.006   'June 11, 2008' package PDB                  help@deposit.rcsb.org       'data extraction' 
http://sw-tools.pdb.org/apps/PDB_EXTRACT/    C++        ? 5 
ADSC        Quantum ?               ?       ?                    ?                           'data collection' ? ?          ? 6 
# 
_cell.length_a           11.480 
_cell.length_b           9.552 
_cell.length_c           38.582 
_cell.angle_alpha        90.000 
_cell.angle_beta         90.000 
_cell.angle_gamma        90.000 
_cell.entry_id           3FR1 
_cell.pdbx_unique_axis   ? 
_cell.Z_PDB              4 
_cell.length_a_esd       ? 
_cell.length_b_esd       ? 
_cell.length_c_esd       ? 
_cell.angle_alpha_esd    ? 
_cell.angle_beta_esd     ? 
_cell.angle_gamma_esd    ? 
# 
_symmetry.space_group_name_H-M             'P 21 21 21' 
_symmetry.entry_id                         3FR1 
_symmetry.Int_Tables_number                19 
_symmetry.pdbx_full_space_group_name_H-M   ? 
_symmetry.cell_setting                     ? 
_symmetry.space_group_name_Hall            ? 
# 
_exptl.crystals_number   1 
_exptl.entry_id          3FR1 
_exptl.method            'X-RAY DIFFRACTION' 
# 
_exptl_crystal.id                    1 
_exptl_crystal.density_Matthews      1.475554 
_exptl_crystal.density_meas          ? 
_exptl_crystal.density_percent_sol   16.641487 
_exptl_crystal.description           ? 
_exptl_crystal.F_000                 ? 
_exptl_crystal.preparation           ? 
# 
_exptl_crystal_grow.crystal_id      1 
_exptl_crystal_grow.method          'VAPOR DIFFUSION, HANGING DROP' 
_exptl_crystal_grow.pH              7.5 
_exptl_crystal_grow.temp            298 
_exptl_crystal_grow.pdbx_details    
'0.18M MgCl2, 0.09M HEPES pH 7.5, 27% isopropanol, and 10% glycerol, vapor diffusion, hanging drop, temperature 298K' 
_exptl_crystal_grow.temp_details    ? 
_exptl_crystal_grow.pdbx_pH_range   . 
# 
_diffrn.id                     1 
_diffrn.ambient_temp           100 
_diffrn.ambient_temp_details   ? 
_diffrn.crystal_id             1 
# 
_diffrn_detector.diffrn_id              1 
_diffrn_detector.detector               CCD 
_diffrn_detector.type                   'ADSC QUANTUM 315' 
_diffrn_detector.pdbx_collection_date   2008-04-18 
_diffrn_detector.details                ? 
# 
_diffrn_radiation.diffrn_id                        1 
_diffrn_radiation.pdbx_diffrn_protocol             'SINGLE WAVELENGTH' 
_diffrn_radiation.monochromator                    ? 
_diffrn_radiation.wavelength_id                    1 
_diffrn_radiation.pdbx_monochromatic_or_laue_m_l   M 
_diffrn_radiation.pdbx_scattering_type             x-ray 
# 
_diffrn_radiation_wavelength.id           1 
_diffrn_radiation_wavelength.wavelength   0.9792 
_diffrn_radiation_wavelength.wt           1.0 
# 
_diffrn_source.diffrn_id                   1 
_diffrn_source.source                      SYNCHROTRON 
_diffrn_source.type                        'APS BEAMLINE 24-ID-E' 
_diffrn_source.pdbx_wavelength_list        0.9792 
_diffrn_source.pdbx_wavelength             ? 
_diffrn_source.pdbx_synchrotron_site       APS 
_diffrn_source.pdbx_synchrotron_beamline   24-ID-E 
# 
_reflns.entry_id                     3FR1 
_reflns.d_resolution_high            1.850 
_reflns.d_resolution_low             90.000 
_reflns.number_obs                   434 
_reflns.pdbx_Rmerge_I_obs            0.183 
_reflns.pdbx_chi_squared             0.992 
_reflns.pdbx_redundancy              5.400 
_reflns.percent_possible_obs         93.900 
_reflns.observed_criterion_sigma_F   ? 
_reflns.observed_criterion_sigma_I   -3 
_reflns.number_all                   434 
_reflns.pdbx_Rsym_value              ? 
_reflns.B_iso_Wilson_estimate        21.2 
_reflns.R_free_details               ? 
_reflns.limit_h_max                  ? 
_reflns.limit_h_min                  ? 
_reflns.limit_k_max                  ? 
_reflns.limit_k_min                  ? 
_reflns.limit_l_max                  ? 
_reflns.limit_l_min                  ? 
_reflns.observed_criterion_F_max     ? 
_reflns.observed_criterion_F_min     ? 
_reflns.pdbx_scaling_rejects         ? 
_reflns.pdbx_netI_over_sigmaI        ? 
_reflns.pdbx_diffrn_id               1 
_reflns.pdbx_ordinal                 1 
# 
loop_
_reflns_shell.d_res_high 
_reflns_shell.d_res_low 
_reflns_shell.number_measured_obs 
_reflns_shell.number_measured_all 
_reflns_shell.number_unique_obs 
_reflns_shell.Rmerge_I_obs 
_reflns_shell.meanI_over_sigI_obs 
_reflns_shell.pdbx_Rsym_value 
_reflns_shell.pdbx_chi_squared 
_reflns_shell.pdbx_redundancy 
_reflns_shell.percent_possible_obs 
_reflns_shell.number_unique_all 
_reflns_shell.percent_possible_all 
_reflns_shell.pdbx_diffrn_id 
_reflns_shell.pdbx_ordinal 
1.85 1.99  ? ? ? 0.419 ? ? 0.705 6.20 ? 68  82.90 ? 1 
1.99 2.19  ? ? ? 0.258 ? ? 1.028 5.80 ? 85  97.70 ? 2 
2.19 2.51  ? ? ? 0.292 ? ? 1.070 5.10 ? 86  92.50 ? 3 
2.51 3.16  ? ? ? 0.171 ? ? 1.048 5.60 ? 88  97.80 ? 4 
3.16 90.00 ? ? ? 0.138 ? ? 1.088 4.60 ? 107 97.30 ? 5 
# 
_refine.entry_id                                 3FR1 
_refine.ls_d_res_high                            1.850 
_refine.ls_d_res_low                             11.00 
_refine.pdbx_ls_sigma_F                          0.00 
_refine.ls_percent_reflns_obs                    94.620 
_refine.ls_number_reflns_obs                     422 
_refine.pdbx_ls_cross_valid_method               THROUGHOUT 
_refine.pdbx_R_Free_selection_details            RANDOM 
_refine.details                                  'HYDROGENS HAVE BEEN ADDED IN THE RIDING POSITIONS' 
_refine.ls_R_factor_obs                          0.196 
_refine.ls_R_factor_R_work                       0.192 
_refine.ls_wR_factor_R_work                      0.199 
_refine.ls_R_factor_R_free                       0.232 
_refine.ls_wR_factor_R_free                      0.257 
_refine.ls_percent_reflns_R_free                 10.200 
_refine.ls_number_reflns_R_free                  43 
_refine.B_iso_mean                               14.911 
_refine.aniso_B[1][1]                            -1.070 
_refine.aniso_B[2][2]                            -1.190 
_refine.aniso_B[3][3]                            2.270 
_refine.aniso_B[1][2]                            0.000 
_refine.aniso_B[1][3]                            0.000 
_refine.aniso_B[2][3]                            0.000 
_refine.correlation_coeff_Fo_to_Fc               0.963 
_refine.correlation_coeff_Fo_to_Fc_free          0.938 
_refine.overall_SU_R_Cruickshank_DPI             0.216 
_refine.overall_SU_R_free                        0.171 
_refine.pdbx_overall_ESU_R                       0.216 
_refine.pdbx_overall_ESU_R_Free                  0.171 
_refine.overall_SU_ML                            0.100 
_refine.overall_SU_B                             3.496 
_refine.solvent_model_details                    MASK 
_refine.pdbx_solvent_vdw_probe_radii             1.400 
_refine.pdbx_solvent_ion_probe_radii             0.800 
_refine.pdbx_solvent_shrinkage_radii             0.800 
_refine.pdbx_method_to_determine_struct          'MOLECULAR REPLACEMENT' 
_refine.pdbx_stereochemistry_target_values       'MAXIMUM LIKELIHOOD' 
_refine.overall_FOM_work_R_set                   0.838 
_refine.B_iso_max                                69.65 
_refine.B_iso_min                                7.88 
_refine.occupancy_max                            1.00 
_refine.occupancy_min                            1.00 
_refine.pdbx_ls_sigma_I                          ? 
_refine.ls_number_reflns_all                     ? 
_refine.ls_R_factor_all                          ? 
_refine.ls_redundancy_reflns_obs                 ? 
_refine.pdbx_data_cutoff_high_absF               ? 
_refine.pdbx_data_cutoff_low_absF                ? 
_refine.ls_number_parameters                     ? 
_refine.ls_number_restraints                     ? 
_refine.ls_R_factor_R_free_error                 ? 
_refine.ls_R_factor_R_free_error_details         ? 
_refine.pdbx_starting_model                      ? 
_refine.pdbx_stereochem_target_val_spec_case     ? 
_refine.solvent_model_param_bsol                 ? 
_refine.solvent_model_param_ksol                 ? 
_refine.pdbx_isotropic_thermal_model             ? 
_refine.pdbx_data_cutoff_high_rms_absF           ? 
_refine.overall_FOM_free_R_set                   ? 
_refine.pdbx_overall_phase_error                 ? 
_refine.pdbx_refine_id                           'X-RAY DIFFRACTION' 
_refine.pdbx_diffrn_id                           1 
_refine.pdbx_TLS_residual_ADP_flag               ? 
_refine.pdbx_overall_SU_R_free_Cruickshank_DPI   ? 
_refine.pdbx_overall_SU_R_Blow_DPI               ? 
_refine.pdbx_overall_SU_R_free_Blow_DPI          ? 
# 
_refine_hist.pdbx_refine_id                   'X-RAY DIFFRACTION' 
_refine_hist.cycle_id                         LAST 
_refine_hist.pdbx_number_atoms_protein        51 
_refine_hist.pdbx_number_atoms_nucleic_acid   0 
_refine_hist.pdbx_number_atoms_ligand         1 
_refine_hist.number_atoms_solvent             1 
_refine_hist.number_atoms_total               53 
_refine_hist.d_res_high                       1.850 
_refine_hist.d_res_low                        11.00 
# 
loop_
_refine_ls_restr.type 
_refine_ls_restr.number 
_refine_ls_restr.dev_ideal 
_refine_ls_restr.dev_ideal_target 
_refine_ls_restr.weight 
_refine_ls_restr.pdbx_refine_id 
_refine_ls_restr.pdbx_restraint_function 
r_bond_refined_d       52 0.005  0.021  ? 'X-RAY DIFFRACTION' ? 
r_bond_other_d         30 0.001  0.020  ? 'X-RAY DIFFRACTION' ? 
r_angle_refined_deg    70 0.608  1.889  ? 'X-RAY DIFFRACTION' ? 
r_angle_other_deg      73 0.546  3.000  ? 'X-RAY DIFFRACTION' ? 
r_dihedral_angle_1_deg 5  1.805  5.000  ? 'X-RAY DIFFRACTION' ? 
r_dihedral_angle_2_deg 3  10.516 23.333 ? 'X-RAY DIFFRACTION' ? 
r_dihedral_angle_3_deg 7  11.831 15.000 ? 'X-RAY DIFFRACTION' ? 
r_chiral_restr         8  0.046  0.200  ? 'X-RAY DIFFRACTION' ? 
r_gen_planes_refined   56 0.002  0.020  ? 'X-RAY DIFFRACTION' ? 
r_gen_planes_other     12 0.000  0.020  ? 'X-RAY DIFFRACTION' ? 
r_mcbond_it            30 1.476  2.000  ? 'X-RAY DIFFRACTION' ? 
r_mcbond_other         11 0.369  2.000  ? 'X-RAY DIFFRACTION' ? 
r_mcangle_it           48 2.491  3.000  ? 'X-RAY DIFFRACTION' ? 
r_scbond_it            22 1.299  2.000  ? 'X-RAY DIFFRACTION' ? 
r_scangle_it           22 2.051  3.000  ? 'X-RAY DIFFRACTION' ? 
# 
_refine_ls_shell.d_res_high                       1.85 
_refine_ls_shell.d_res_low                        1.899 
_refine_ls_shell.pdbx_total_number_of_bins_used   20 
_refine_ls_shell.percent_reflns_obs               75.680 
_refine_ls_shell.number_reflns_R_work             24 
_refine_ls_shell.R_factor_all                     ? 
_refine_ls_shell.R_factor_R_work                  0.295 
_refine_ls_shell.R_factor_R_free                  0.269 
_refine_ls_shell.percent_reflns_R_free            ? 
_refine_ls_shell.number_reflns_R_free             4 
_refine_ls_shell.R_factor_R_free_error            ? 
_refine_ls_shell.number_reflns_all                28 
_refine_ls_shell.number_reflns_obs                ? 
_refine_ls_shell.redundancy_reflns_obs            ? 
_refine_ls_shell.pdbx_refine_id                   'X-RAY DIFFRACTION' 
# 
_struct.entry_id                  3FR1 
_struct.title                     'NFLVHS segment from Islet Amyloid Polypeptide (IAPP or Amylin)' 
_struct.pdbx_model_details        ? 
_struct.pdbx_CASP_flag            ? 
_struct.pdbx_model_type_details   ? 
# 
_struct_keywords.entry_id        3FR1 
_struct_keywords.text            
'amyloid-like protofibril, Amidation, Amyloid, Cleavage on pair of basic residues, Hormone, Polymorphism, Secreted, PROTEIN FIBRIL' 
_struct_keywords.pdbx_keywords   'PROTEIN FIBRIL' 
# 
loop_
_struct_asym.id 
_struct_asym.pdbx_blank_PDB_chainid_flag 
_struct_asym.pdbx_modified 
_struct_asym.entity_id 
_struct_asym.details 
A N N 1 ? 
B N N 2 ? 
C N N 3 ? 
# 
_struct_ref.id                         1 
_struct_ref.db_name                    UNP 
_struct_ref.db_code                    IAPP_HUMAN 
_struct_ref.pdbx_db_accession          P10997 
_struct_ref.entity_id                  1 
_struct_ref.pdbx_seq_one_letter_code   NFLVHS 
_struct_ref.pdbx_align_begin           47 
_struct_ref.pdbx_db_isoform            ? 
# 
_struct_ref_seq.align_id                      1 
_struct_ref_seq.ref_id                        1 
_struct_ref_seq.pdbx_PDB_id_code              3FR1 
_struct_ref_seq.pdbx_strand_id                A 
_struct_ref_seq.seq_align_beg                 1 
_struct_ref_seq.pdbx_seq_align_beg_ins_code   ? 
_struct_ref_seq.seq_align_end                 6 
_struct_ref_seq.pdbx_seq_align_end_ins_code   ? 
_struct_ref_seq.pdbx_db_accession             P10997 
_struct_ref_seq.db_align_beg                  47 
_struct_ref_seq.pdbx_db_align_beg_ins_code    ? 
_struct_ref_seq.db_align_end                  52 
_struct_ref_seq.pdbx_db_align_end_ins_code    ? 
_struct_ref_seq.pdbx_auth_seq_align_beg       1 
_struct_ref_seq.pdbx_auth_seq_align_end       6 
# 
loop_
_pdbx_struct_assembly.id 
_pdbx_struct_assembly.details 
_pdbx_struct_assembly.method_details 
_pdbx_struct_assembly.oligomeric_details 
_pdbx_struct_assembly.oligomeric_count 
1 author_defined_assembly   ?    dimeric   2 
2 author_defined_assembly   ?    dimeric   2 
3 software_defined_assembly PISA monomeric 1 
# 
loop_
_pdbx_struct_assembly_gen.assembly_id 
_pdbx_struct_assembly_gen.oper_expression 
_pdbx_struct_assembly_gen.asym_id_list 
1 1,2 A,B,C 
2 3,4 A,B,C 
3 1   A,B,C 
# 
loop_
_pdbx_struct_oper_list.id 
_pdbx_struct_oper_list.type 
_pdbx_struct_oper_list.name 
_pdbx_struct_oper_list.symmetry_operation 
_pdbx_struct_oper_list.matrix[1][1] 
_pdbx_struct_oper_list.matrix[1][2] 
_pdbx_struct_oper_list.matrix[1][3] 
_pdbx_struct_oper_list.vector[1] 
_pdbx_struct_oper_list.matrix[2][1] 
_pdbx_struct_oper_list.matrix[2][2] 
_pdbx_struct_oper_list.matrix[2][3] 
_pdbx_struct_oper_list.vector[2] 
_pdbx_struct_oper_list.matrix[3][1] 
_pdbx_struct_oper_list.matrix[3][2] 
_pdbx_struct_oper_list.matrix[3][3] 
_pdbx_struct_oper_list.vector[3] 
1 'identity operation'         1_555 x,y,z             1.0000000000 0.0000000000  0.0000000000 0.0000000000  0.0000000000  1.0000000000  0.0000000000  0.0000000000   0.0000000000 0.0000000000  1.0000000000  0.0000000000  
2 'crystal symmetry operation' 3_554 -x,y+1/2,-z-1/2   0.1012199135 -0.0968806326 0.9901356837 3.9988952875  -0.0968806326 -0.9914768550 -0.0871079157 -0.4816914073  0.9901356837 -0.0871079157 -0.1097430585 2.6638269424  
3 'crystal symmetry operation' 1_655 x+1,y,z           1.0000000000 0.0000000000  0.0000000000 -0.0829721164 0.0000000000  1.0000000000  0.0000000000  -11.4337174331 0.0000000000 0.0000000000  1.0000000000  -1.0264605629 
4 'crystal symmetry operation' 3_654 -x+1,y+1/2,-z-1/2 0.1012199135 -0.0968806326 0.9901356837 3.9159231711  -0.0968806326 -0.9914768550 -0.0871079157 -11.9154088405 0.9901356837 -0.0871079157 -0.1097430585 1.6373663795 
# 
_struct_biol.id        1 
_struct_biol.details   
;THE BIOLOGICAL UNIT IS A PAIR OF BETA SHEETS. ONE SHEET IS CONSTRUCTED FROM CHAIN A AND A CRYSTALLOGRAPHIC SYMMETRY OPERATOR (I.E. X,Y,Z AND -X,1/2+Y,-1/2-Z). THE SECOND SHEET IS CONSTRUCTED FROM  X+1,Y,Z AND 1-X,1/2+Y,-1/2-Z.
;
# 
_struct_site.id                   AC1 
_struct_site.pdbx_evidence_code   Software 
_struct_site.pdbx_auth_asym_id    A 
_struct_site.pdbx_auth_comp_id    CL 
_struct_site.pdbx_auth_seq_id     7 
_struct_site.pdbx_auth_ins_code   ? 
_struct_site.pdbx_num_residues    4 
_struct_site.details              'BINDING SITE FOR RESIDUE CL A 7' 
# 
loop_
_struct_site_gen.id 
_struct_site_gen.site_id 
_struct_site_gen.pdbx_num_res 
_struct_site_gen.label_comp_id 
_struct_site_gen.label_asym_id 
_struct_site_gen.label_seq_id 
_struct_site_gen.pdbx_auth_ins_code 
_struct_site_gen.auth_comp_id 
_struct_site_gen.auth_asym_id 
_struct_site_gen.auth_seq_id 
_struct_site_gen.label_atom_id 
_struct_site_gen.label_alt_id 
_struct_site_gen.symmetry 
_struct_site_gen.details 
1 AC1 4 ASN A 1 ? ASN A 1 . ? 2_455 ? 
2 AC1 4 ASN A 1 ? ASN A 1 . ? 3_544 ? 
3 AC1 4 LEU A 3 ? LEU A 3 . ? 3_444 ? 
4 AC1 4 HIS A 5 ? HIS A 5 . ? 1_555 ? 
# 
_pdbx_phasing_MR.entry_id                     3FR1 
_pdbx_phasing_MR.method_rotation              ? 
_pdbx_phasing_MR.method_translation           ? 
_pdbx_phasing_MR.model_details                'Phaser MODE: MR_AUTO' 
_pdbx_phasing_MR.R_factor                     ? 
_pdbx_phasing_MR.R_rigid_body                 ? 
_pdbx_phasing_MR.correlation_coeff_Fo_to_Fc   ? 
_pdbx_phasing_MR.correlation_coeff_Io_to_Ic   ? 
_pdbx_phasing_MR.d_res_high_rotation          ? 
_pdbx_phasing_MR.d_res_low_rotation           ? 
_pdbx_phasing_MR.d_res_high_translation       ? 
_pdbx_phasing_MR.d_res_low_translation        ? 
_pdbx_phasing_MR.packing                      ? 
_pdbx_phasing_MR.reflns_percent_rotation      ? 
_pdbx_phasing_MR.reflns_percent_translation   ? 
_pdbx_phasing_MR.sigma_F_rotation             ? 
_pdbx_phasing_MR.sigma_F_translation          ? 
_pdbx_phasing_MR.sigma_I_rotation             ? 
_pdbx_phasing_MR.sigma_I_translation          ? 
# 
_phasing.method   MR 
# 
loop_
_chem_comp_atom.comp_id 
_chem_comp_atom.atom_id 
_chem_comp_atom.type_symbol 
_chem_comp_atom.pdbx_aromatic_flag 
_chem_comp_atom.pdbx_stereo_config 
_chem_comp_atom.pdbx_ordinal 
ASN N    N  N N 1   
ASN CA   C  N S 2   
ASN C    C  N N 3   
ASN O    O  N N 4   
ASN CB   C  N N 5   
ASN CG   C  N N 6   
ASN OD1  O  N N 7   
ASN ND2  N  N N 8   
ASN OXT  O  N N 9   
ASN H    H  N N 10  
ASN H2   H  N N 11  
ASN HA   H  N N 12  
ASN HB2  H  N N 13  
ASN HB3  H  N N 14  
ASN HD21 H  N N 15  
ASN HD22 H  N N 16  
ASN HXT  H  N N 17  
CL  CL   CL N N 18  
HIS N    N  N N 19  
HIS CA   C  N S 20  
HIS C    C  N N 21  
HIS O    O  N N 22  
HIS CB   C  N N 23  
HIS CG   C  Y N 24  
HIS ND1  N  Y N 25  
HIS CD2  C  Y N 26  
HIS CE1  C  Y N 27  
HIS NE2  N  Y N 28  
HIS OXT  O  N N 29  
HIS H    H  N N 30  
HIS H2   H  N N 31  
HIS HA   H  N N 32  
HIS HB2  H  N N 33  
HIS HB3  H  N N 34  
HIS HD1  H  N N 35  
HIS HD2  H  N N 36  
HIS HE1  H  N N 37  
HIS HE2  H  N N 38  
HIS HXT  H  N N 39  
HOH O    O  N N 40  
HOH H1   H  N N 41  
HOH H2   H  N N 42  
LEU N    N  N N 43  
LEU CA   C  N S 44  
LEU C    C  N N 45  
LEU O    O  N N 46  
LEU CB   C  N N 47  
LEU CG   C  N N 48  
LEU CD1  C  N N 49  
LEU CD2  C  N N 50  
LEU OXT  O  N N 51  
LEU H    H  N N 52  
LEU H2   H  N N 53  
LEU HA   H  N N 54  
LEU HB2  H  N N 55  
LEU HB3  H  N N 56  
LEU HG   H  N N 57  
LEU HD11 H  N N 58  
LEU HD12 H  N N 59  
LEU HD13 H  N N 60  
LEU HD21 H  N N 61  
LEU HD22 H  N N 62  
LEU HD23 H  N N 63  
LEU HXT  H  N N 64  
PHE N    N  N N 65  
PHE CA   C  N S 66  
PHE C    C  N N 67  
PHE O    O  N N 68  
PHE CB   C  N N 69  
PHE CG   C  Y N 70  
PHE CD1  C  Y N 71  
PHE CD2  C  Y N 72  
PHE CE1  C  Y N 73  
PHE CE2  C  Y N 74  
PHE CZ   C  Y N 75  
PHE OXT  O  N N 76  
PHE H    H  N N 77  
PHE H2   H  N N 78  
PHE HA   H  N N 79  
PHE HB2  H  N N 80  
PHE HB3  H  N N 81  
PHE HD1  H  N N 82  
PHE HD2  H  N N 83  
PHE HE1  H  N N 84  
PHE HE2  H  N N 85  
PHE HZ   H  N N 86  
PHE HXT  H  N N 87  
SER N    N  N N 88  
SER CA   C  N S 89  
SER C    C  N N 90  
SER O    O  N N 91  
SER CB   C  N N 92  
SER OG   O  N N 93  
SER OXT  O  N N 94  
SER H    H  N N 95  
SER H2   H  N N 96  
SER HA   H  N N 97  
SER HB2  H  N N 98  
SER HB3  H  N N 99  
SER HG   H  N N 100 
SER HXT  H  N N 101 
VAL N    N  N N 102 
VAL CA   C  N S 103 
VAL C    C  N N 104 
VAL O    O  N N 105 
VAL CB   C  N N 106 
VAL CG1  C  N N 107 
VAL CG2  C  N N 108 
VAL OXT  O  N N 109 
VAL H    H  N N 110 
VAL H2   H  N N 111 
VAL HA   H  N N 112 
VAL HB   H  N N 113 
VAL HG11 H  N N 114 
VAL HG12 H  N N 115 
VAL HG13 H  N N 116 
VAL HG21 H  N N 117 
VAL HG22 H  N N 118 
VAL HG23 H  N N 119 
VAL HXT  H  N N 120 
# 
loop_
_chem_comp_bond.comp_id 
_chem_comp_bond.atom_id_1 
_chem_comp_bond.atom_id_2 
_chem_comp_bond.value_order 
_chem_comp_bond.pdbx_aromatic_flag 
_chem_comp_bond.pdbx_stereo_config 
_chem_comp_bond.pdbx_ordinal 
ASN N   CA   sing N N 1   
ASN N   H    sing N N 2   
ASN N   H2   sing N N 3   
ASN CA  C    sing N N 4   
ASN CA  CB   sing N N 5   
ASN CA  HA   sing N N 6   
ASN C   O    doub N N 7   
ASN C   OXT  sing N N 8   
ASN CB  CG   sing N N 9   
ASN CB  HB2  sing N N 10  
ASN CB  HB3  sing N N 11  
ASN CG  OD1  doub N N 12  
ASN CG  ND2  sing N N 13  
ASN ND2 HD21 sing N N 14  
ASN ND2 HD22 sing N N 15  
ASN OXT HXT  sing N N 16  
HIS N   CA   sing N N 17  
HIS N   H    sing N N 18  
HIS N   H2   sing N N 19  
HIS CA  C    sing N N 20  
HIS CA  CB   sing N N 21  
HIS CA  HA   sing N N 22  
HIS C   O    doub N N 23  
HIS C   OXT  sing N N 24  
HIS CB  CG   sing N N 25  
HIS CB  HB2  sing N N 26  
HIS CB  HB3  sing N N 27  
HIS CG  ND1  sing Y N 28  
HIS CG  CD2  doub Y N 29  
HIS ND1 CE1  doub Y N 30  
HIS ND1 HD1  sing N N 31  
HIS CD2 NE2  sing Y N 32  
HIS CD2 HD2  sing N N 33  
HIS CE1 NE2  sing Y N 34  
HIS CE1 HE1  sing N N 35  
HIS NE2 HE2  sing N N 36  
HIS OXT HXT  sing N N 37  
HOH O   H1   sing N N 38  
HOH O   H2   sing N N 39  
LEU N   CA   sing N N 40  
LEU N   H    sing N N 41  
LEU N   H2   sing N N 42  
LEU CA  C    sing N N 43  
LEU CA  CB   sing N N 44  
LEU CA  HA   sing N N 45  
LEU C   O    doub N N 46  
LEU C   OXT  sing N N 47  
LEU CB  CG   sing N N 48  
LEU CB  HB2  sing N N 49  
LEU CB  HB3  sing N N 50  
LEU CG  CD1  sing N N 51  
LEU CG  CD2  sing N N 52  
LEU CG  HG   sing N N 53  
LEU CD1 HD11 sing N N 54  
LEU CD1 HD12 sing N N 55  
LEU CD1 HD13 sing N N 56  
LEU CD2 HD21 sing N N 57  
LEU CD2 HD22 sing N N 58  
LEU CD2 HD23 sing N N 59  
LEU OXT HXT  sing N N 60  
PHE N   CA   sing N N 61  
PHE N   H    sing N N 62  
PHE N   H2   sing N N 63  
PHE CA  C    sing N N 64  
PHE CA  CB   sing N N 65  
PHE CA  HA   sing N N 66  
PHE C   O    doub N N 67  
PHE C   OXT  sing N N 68  
PHE CB  CG   sing N N 69  
PHE CB  HB2  sing N N 70  
PHE CB  HB3  sing N N 71  
PHE CG  CD1  doub Y N 72  
PHE CG  CD2  sing Y N 73  
PHE CD1 CE1  sing Y N 74  
PHE CD1 HD1  sing N N 75  
PHE CD2 CE2  doub Y N 76  
PHE CD2 HD2  sing N N 77  
PHE CE1 CZ   doub Y N 78  
PHE CE1 HE1  sing N N 79  
PHE CE2 CZ   sing Y N 80  
PHE CE2 HE2  sing N N 81  
PHE CZ  HZ   sing N N 82  
PHE OXT HXT  sing N N 83  
SER N   CA   sing N N 84  
SER N   H    sing N N 85  
SER N   H2   sing N N 86  
SER CA  C    sing N N 87  
SER CA  CB   sing N N 88  
SER CA  HA   sing N N 89  
SER C   O    doub N N 90  
SER C   OXT  sing N N 91  
SER CB  OG   sing N N 92  
SER CB  HB2  sing N N 93  
SER CB  HB3  sing N N 94  
SER OG  HG   sing N N 95  
SER OXT HXT  sing N N 96  
VAL N   CA   sing N N 97  
VAL N   H    sing N N 98  
VAL N   H2   sing N N 99  
VAL CA  C    sing N N 100 
VAL CA  CB   sing N N 101 
VAL CA  HA   sing N N 102 
VAL C   O    doub N N 103 
VAL C   OXT  sing N N 104 
VAL CB  CG1  sing N N 105 
VAL CB  CG2  sing N N 106 
VAL CB  HB   sing N N 107 
VAL CG1 HG11 sing N N 108 
VAL CG1 HG12 sing N N 109 
VAL CG1 HG13 sing N N 110 
VAL CG2 HG21 sing N N 111 
VAL CG2 HG22 sing N N 112 
VAL CG2 HG23 sing N N 113 
VAL OXT HXT  sing N N 114 
# 
_atom_sites.entry_id                    3FR1 
_atom_sites.fract_transf_matrix[1][1]   -0.00062958 
_atom_sites.fract_transf_matrix[1][2]   -0.08675682 
_atom_sites.fract_transf_matrix[1][3]   -0.00778858 
_atom_sites.fract_transf_matrix[2][1]   0.07768322 
_atom_sites.fract_transf_matrix[2][2]   -0.00683424 
_atom_sites.fract_transf_matrix[2][3]   0.06984702 
_atom_sites.fract_transf_matrix[3][1]   -0.01737420 
_atom_sites.fract_transf_matrix[3][2]   -0.00159467 
_atom_sites.fract_transf_matrix[3][3]   0.01916739 
_atom_sites.fract_transf_vector[1]      -0.009262 
_atom_sites.fract_transf_vector[2]      0.085078 
_atom_sites.fract_transf_vector[3]      -0.241176 
# 
loop_
_atom_type.symbol 
C  
CL 
N  
O  
# 
loop_
_atom_site.group_PDB 
_atom_site.id 
_atom_site.type_symbol 
_atom_site.label_atom_id 
_atom_site.label_alt_id 
_atom_site.label_comp_id 
_atom_site.label_asym_id 
_atom_site.label_entity_id 
_atom_site.label_seq_id 
_atom_site.pdbx_PDB_ins_code 
_atom_site.Cartn_x 
_atom_site.Cartn_y 
_atom_site.Cartn_z 
_atom_site.occupancy 
_atom_site.B_iso_or_equiv 
_atom_site.pdbx_formal_charge 
_atom_site.auth_seq_id 
_atom_site.auth_comp_id 
_atom_site.auth_asym_id 
_atom_site.auth_atom_id 
_atom_site.pdbx_PDB_model_num 
ATOM   1  N  N   . ASN A 1 1 ? 5.482  -3.907 -7.270 1.00 16.97 ? 1 ASN A N   1 
ATOM   2  C  CA  . ASN A 1 1 ? 5.450  -3.024 -6.072 1.00 16.46 ? 1 ASN A CA  1 
ATOM   3  C  C   . ASN A 1 1 ? 4.064  -3.036 -5.448 1.00 13.59 ? 1 ASN A C   1 
ATOM   4  O  O   . ASN A 1 1 ? 3.072  -3.223 -6.145 1.00 12.87 ? 1 ASN A O   1 
ATOM   5  C  CB  . ASN A 1 1 ? 5.848  -1.594 -6.449 1.00 18.36 ? 1 ASN A CB  1 
ATOM   6  C  CG  . ASN A 1 1 ? 7.313  -1.477 -6.839 1.00 20.48 ? 1 ASN A CG  1 
ATOM   7  O  OD1 . ASN A 1 1 ? 8.051  -2.462 -6.832 1.00 23.06 ? 1 ASN A OD1 1 
ATOM   8  N  ND2 . ASN A 1 1 ? 7.742  -0.265 -7.175 1.00 22.40 ? 1 ASN A ND2 1 
ATOM   9  N  N   . PHE A 1 2 ? 4.008  -2.846 -4.134 1.00 10.89 ? 2 PHE A N   1 
ATOM   10 C  CA  . PHE A 1 2 ? 2.746  -2.860 -3.404 1.00 9.73  ? 2 PHE A CA  1 
ATOM   11 C  C   . PHE A 1 2 ? 2.731  -1.775 -2.343 1.00 9.19  ? 2 PHE A C   1 
ATOM   12 O  O   . PHE A 1 2 ? 3.695  -1.624 -1.598 1.00 7.88  ? 2 PHE A O   1 
ATOM   13 C  CB  . PHE A 1 2 ? 2.543  -4.211 -2.728 1.00 9.29  ? 2 PHE A CB  1 
ATOM   14 C  CG  . PHE A 1 2 ? 1.229  -4.331 -2.003 1.00 9.10  ? 2 PHE A CG  1 
ATOM   15 C  CD1 . PHE A 1 2 ? 0.048  -4.489 -2.715 1.00 9.60  ? 2 PHE A CD1 1 
ATOM   16 C  CD2 . PHE A 1 2 ? 1.171  -4.274 -0.618 1.00 10.15 ? 2 PHE A CD2 1 
ATOM   17 C  CE1 . PHE A 1 2 ? -1.169 -4.596 -2.061 1.00 9.75  ? 2 PHE A CE1 1 
ATOM   18 C  CE2 . PHE A 1 2 ? -0.049 -4.388 0.047  1.00 10.32 ? 2 PHE A CE2 1 
ATOM   19 C  CZ  . PHE A 1 2 ? -1.220 -4.548 -0.684 1.00 10.02 ? 2 PHE A CZ  1 
ATOM   20 N  N   . LEU A 1 3 ? 1.628  -1.034 -2.271 1.00 10.14 ? 3 LEU A N   1 
ATOM   21 C  CA  . LEU A 1 3 ? 1.470  0.021  -1.276 1.00 8.89  ? 3 LEU A CA  1 
ATOM   22 C  C   . LEU A 1 3 ? 0.047  -0.007 -0.741 1.00 9.04  ? 3 LEU A C   1 
ATOM   23 O  O   . LEU A 1 3 ? -0.903 -0.139 -1.516 1.00 8.57  ? 3 LEU A O   1 
ATOM   24 C  CB  . LEU A 1 3 ? 1.792  1.379  -1.898 1.00 10.25 ? 3 LEU A CB  1 
ATOM   25 C  CG  . LEU A 1 3 ? 1.898  2.565  -0.936 1.00 11.46 ? 3 LEU A CG  1 
ATOM   26 C  CD1 . LEU A 1 3 ? 2.831  3.631  -1.496 1.00 10.19 ? 3 LEU A CD1 1 
ATOM   27 C  CD2 . LEU A 1 3 ? 0.513  3.140  -0.653 1.00 12.78 ? 3 LEU A CD2 1 
ATOM   28 N  N   . VAL A 1 4 ? -0.100 0.092  0.577  1.00 8.65  ? 4 VAL A N   1 
ATOM   29 C  CA  . VAL A 1 4 ? -1.427 0.143  1.196  1.00 10.70 ? 4 VAL A CA  1 
ATOM   30 C  C   . VAL A 1 4 ? -1.450 1.139  2.352  1.00 10.48 ? 4 VAL A C   1 
ATOM   31 O  O   . VAL A 1 4 ? -0.491 1.247  3.119  1.00 8.63  ? 4 VAL A O   1 
ATOM   32 C  CB  . VAL A 1 4 ? -1.915 -1.261 1.661  1.00 11.00 ? 4 VAL A CB  1 
ATOM   33 C  CG1 . VAL A 1 4 ? -0.990 -1.835 2.720  1.00 11.89 ? 4 VAL A CG1 1 
ATOM   34 C  CG2 . VAL A 1 4 ? -3.356 -1.191 2.182  1.00 11.48 ? 4 VAL A CG2 1 
ATOM   35 N  N   . HIS A 1 5 ? -2.544 1.889  2.449  1.00 10.87 ? 5 HIS A N   1 
ATOM   36 C  CA  . HIS A 1 5 ? -2.709 2.885  3.503  1.00 13.25 ? 5 HIS A CA  1 
ATOM   37 C  C   . HIS A 1 5 ? -4.113 2.789  4.075  1.00 13.41 ? 5 HIS A C   1 
ATOM   38 O  O   . HIS A 1 5 ? -5.076 2.645  3.330  1.00 12.78 ? 5 HIS A O   1 
ATOM   39 C  CB  . HIS A 1 5 ? -2.477 4.290  2.951  1.00 13.94 ? 5 HIS A CB  1 
ATOM   40 C  CG  . HIS A 1 5 ? -2.819 5.376  3.919  1.00 15.32 ? 5 HIS A CG  1 
ATOM   41 N  ND1 . HIS A 1 5 ? -4.014 6.062  3.873  1.00 17.33 ? 5 HIS A ND1 1 
ATOM   42 C  CD2 . HIS A 1 5 ? -2.135 5.877  4.975  1.00 14.59 ? 5 HIS A CD2 1 
ATOM   43 C  CE1 . HIS A 1 5 ? -4.046 6.947  4.855  1.00 17.49 ? 5 HIS A CE1 1 
ATOM   44 N  NE2 . HIS A 1 5 ? -2.917 6.856  5.536  1.00 15.23 ? 5 HIS A NE2 1 
ATOM   45 N  N   . SER A 1 6 ? -4.227 2.876  5.394  1.00 16.30 ? 6 SER A N   1 
ATOM   46 C  CA  . SER A 1 6 ? -5.530 2.836  6.052  1.00 19.24 ? 6 SER A CA  1 
ATOM   47 C  C   . SER A 1 6 ? -5.577 3.826  7.207  1.00 19.74 ? 6 SER A C   1 
ATOM   48 O  O   . SER A 1 6 ? -4.546 4.293  7.698  1.00 19.56 ? 6 SER A O   1 
ATOM   49 C  CB  . SER A 1 6 ? -5.839 1.424  6.555  1.00 20.71 ? 6 SER A CB  1 
ATOM   50 O  OG  . SER A 1 6 ? -5.029 1.081  7.669  1.00 22.39 ? 6 SER A OG  1 
ATOM   51 O  OXT . SER A 1 6 ? -6.662 4.172  7.670  1.00 21.53 ? 6 SER A OXT 1 
HETATM 52 CL CL  . CL  B 2 . ? -6.723 6.294  2.497  1.00 32.71 ? 7 CL  A CL  1 
HETATM 53 O  O   . HOH C 3 . ? 7.395  -3.881 -9.220 1.00 69.65 ? 8 HOH A O   1 
# 
